data_6K0F
#
_entry.id   6K0F
#
_cell.length_a   73.839
_cell.length_b   120.943
_cell.length_c   66.722
_cell.angle_alpha   90.000
_cell.angle_beta   90.000
_cell.angle_gamma   90.000
#
_symmetry.space_group_name_H-M   'C 2 2 21'
#
loop_
_entity.id
_entity.type
_entity.pdbx_description
1 polymer 'Iron/alpha-ketoglutarate-dependent dioxygenase asqJ'
2 non-polymer 'FE (III) ION'
3 non-polymer '2-OXOGLUTARIC ACID'
4 non-polymer "(3~{R},3'~{S})-4-methyl-3'-phenyl-spiro[1~{H}-1,4-benzodiazepine-3,2'-oxirane]-2,5-dione"
5 non-polymer 'HYDROGEN PEROXIDE'
6 water water
#
_entity_poly.entity_id   1
_entity_poly.type   'polypeptide(L)'
_entity_poly.pdbx_seq_one_letter_code
;MGSSHHHHHHSGLVPRGSHMTSKDHVKSQIPRLSAINDLHKIWPTVEEHGAAIIESFLSLDIVRRLNEEVDPFVKIEPIP
AAKTKDHPNHVLSTTTRLVNVLAPISKAYREDVLNSKVLHRICSDAFHVYGDYWVLMGAVMELAPSNPAQPLHRDMRFSH
PIVEYLKPDAPATSINFLVALSPFTAENGATHVILGSHKWQNLSNVSMDATVRALMNPGDALLITDSTIHCGGAETTGTE
TRRLLTITMGISQLTPLESNLAVPRPVIESLTPLAQRLLGWASQRSAAPRDIGLLTIRGNSIEKTMNLKAEQPLHDDEAE
PLCRETI
;
_entity_poly.pdbx_strand_id   B
#
loop_
_chem_comp.id
_chem_comp.type
_chem_comp.name
_chem_comp.formula
AKG non-polymer '2-OXOGLUTARIC ACID' 'C5 H6 O5'
CQ9 non-polymer (3~{R},3'~{S})-4-methyl-3'-phenyl-spiro[1~{H}-1,4-benzodiazepine-3,2'-oxirane]-2,5-dione 'C17 H14 N2 O3'
FE non-polymer 'FE (III) ION' 'Fe 3'
PEO non-polymer 'HYDROGEN PEROXIDE' 'H2 O2'
#
# COMPACT_ATOMS: atom_id res chain seq x y z
N LYS A 27 5.14 -9.25 -25.93
CA LYS A 27 4.77 -8.56 -24.69
C LYS A 27 5.78 -8.80 -23.61
N SER A 28 6.45 -7.77 -23.11
CA SER A 28 7.36 -7.99 -22.01
C SER A 28 6.50 -8.16 -20.76
N GLN A 29 6.84 -9.09 -19.91
CA GLN A 29 6.08 -9.36 -18.70
C GLN A 29 6.65 -8.62 -17.51
N ILE A 30 5.90 -8.61 -16.42
CA ILE A 30 6.35 -7.94 -15.23
C ILE A 30 7.53 -8.68 -14.65
N PRO A 31 8.61 -7.99 -14.36
CA PRO A 31 9.77 -8.65 -13.79
C PRO A 31 9.45 -9.26 -12.46
N ARG A 32 9.94 -10.45 -12.21
CA ARG A 32 9.70 -11.14 -10.99
C ARG A 32 10.99 -11.28 -10.22
N LEU A 33 10.95 -10.95 -8.95
CA LEU A 33 12.13 -10.94 -8.12
C LEU A 33 11.96 -11.64 -6.80
N SER A 34 13.03 -12.19 -6.27
CA SER A 34 12.98 -12.82 -4.98
C SER A 34 13.19 -11.80 -3.90
N ALA A 35 12.42 -11.92 -2.84
CA ALA A 35 12.51 -11.00 -1.76
C ALA A 35 13.79 -11.13 -1.05
N ILE A 36 14.28 -12.34 -0.90
CA ILE A 36 15.55 -12.57 -0.24
C ILE A 36 16.75 -12.35 -1.12
N ASN A 37 16.83 -13.12 -2.17
CA ASN A 37 17.96 -13.04 -3.09
C ASN A 37 18.13 -11.83 -4.00
N ASP A 38 17.06 -11.13 -4.34
CA ASP A 38 17.20 -10.00 -5.24
C ASP A 38 16.82 -8.65 -4.61
N LEU A 39 16.89 -8.57 -3.31
CA LEU A 39 16.46 -7.40 -2.58
C LEU A 39 16.95 -6.08 -3.10
N HIS A 40 18.22 -5.99 -3.40
CA HIS A 40 18.74 -4.71 -3.88
C HIS A 40 18.24 -4.37 -5.28
N LYS A 41 17.68 -5.30 -6.00
CA LYS A 41 17.23 -4.99 -7.33
C LYS A 41 15.77 -4.57 -7.41
N ILE A 42 15.05 -4.63 -6.30
CA ILE A 42 13.61 -4.44 -6.40
C ILE A 42 13.26 -2.99 -6.73
N TRP A 43 13.77 -2.03 -5.96
CA TRP A 43 13.42 -0.64 -6.26
C TRP A 43 13.99 -0.20 -7.60
N PRO A 44 15.25 -0.45 -7.93
CA PRO A 44 15.71 -0.13 -9.29
C PRO A 44 14.83 -0.72 -10.37
N THR A 45 14.30 -1.92 -10.17
CA THR A 45 13.46 -2.53 -11.21
C THR A 45 12.14 -1.76 -11.34
N VAL A 46 11.59 -1.36 -10.23
CA VAL A 46 10.35 -0.60 -10.29
C VAL A 46 10.59 0.78 -10.82
N GLU A 47 11.66 1.42 -10.40
CA GLU A 47 11.97 2.75 -10.91
C GLU A 47 12.12 2.73 -12.44
N GLU A 48 12.61 1.64 -12.99
CA GLU A 48 12.79 1.57 -14.41
C GLU A 48 11.56 1.16 -15.17
N HIS A 49 10.93 0.10 -14.72
CA HIS A 49 9.80 -0.48 -15.46
C HIS A 49 8.43 -0.07 -14.93
N GLY A 50 8.36 0.55 -13.75
CA GLY A 50 7.09 0.94 -13.15
C GLY A 50 6.38 -0.16 -12.39
N ALA A 51 6.85 -1.39 -12.45
CA ALA A 51 6.21 -2.48 -11.73
C ALA A 51 7.22 -3.61 -11.54
N ALA A 52 7.02 -4.37 -10.47
CA ALA A 52 7.75 -5.61 -10.24
C ALA A 52 6.91 -6.50 -9.34
N ILE A 53 7.12 -7.80 -9.46
CA ILE A 53 6.48 -8.73 -8.60
C ILE A 53 7.50 -9.27 -7.62
N ILE A 54 7.24 -9.12 -6.32
CA ILE A 54 8.13 -9.61 -5.27
C ILE A 54 7.58 -10.97 -4.84
N GLU A 55 8.27 -12.03 -5.23
CA GLU A 55 7.83 -13.37 -4.87
C GLU A 55 8.06 -13.62 -3.38
N SER A 56 7.07 -14.14 -2.73
CA SER A 56 7.08 -14.40 -1.29
C SER A 56 7.38 -13.20 -0.40
N PHE A 57 6.75 -12.08 -0.71
CA PHE A 57 6.93 -10.88 0.05
C PHE A 57 6.51 -11.17 1.50
N LEU A 58 5.36 -11.78 1.67
CA LEU A 58 4.89 -12.24 2.96
C LEU A 58 4.80 -13.76 2.98
N SER A 59 5.24 -14.37 4.08
CA SER A 59 5.16 -15.81 4.20
C SER A 59 3.71 -16.27 4.25
N LEU A 60 3.49 -17.53 3.86
CA LEU A 60 2.13 -18.06 3.89
C LEU A 60 1.54 -18.00 5.30
N ASP A 61 2.38 -18.14 6.33
CA ASP A 61 1.88 -18.08 7.69
C ASP A 61 1.38 -16.69 8.04
N ILE A 62 2.13 -15.65 7.66
CA ILE A 62 1.64 -14.29 7.88
C ILE A 62 0.34 -14.06 7.11
N VAL A 63 0.25 -14.58 5.89
CA VAL A 63 -0.94 -14.44 5.09
C VAL A 63 -2.14 -15.08 5.77
N ARG A 64 -1.91 -16.27 6.29
CA ARG A 64 -2.94 -16.98 7.02
C ARG A 64 -3.46 -16.23 8.24
N ARG A 65 -2.56 -15.73 9.06
CA ARG A 65 -2.98 -15.01 10.24
C ARG A 65 -3.69 -13.71 9.93
N LEU A 66 -3.19 -13.01 8.94
CA LEU A 66 -3.77 -11.76 8.56
C LEU A 66 -5.17 -11.99 8.05
N ASN A 67 -5.35 -12.99 7.22
CA ASN A 67 -6.64 -13.31 6.69
C ASN A 67 -7.62 -13.68 7.80
N GLU A 68 -7.16 -14.45 8.76
CA GLU A 68 -8.02 -14.84 9.84
C GLU A 68 -8.42 -13.68 10.74
N GLU A 69 -7.51 -12.76 10.92
CA GLU A 69 -7.75 -11.62 11.75
C GLU A 69 -8.68 -10.59 11.13
N VAL A 70 -8.55 -10.36 9.84
CA VAL A 70 -9.40 -9.36 9.17
C VAL A 70 -10.72 -9.94 8.68
N ASP A 71 -10.86 -11.27 8.61
CA ASP A 71 -12.05 -11.92 8.05
C ASP A 71 -13.37 -11.31 8.48
N PRO A 72 -13.65 -11.21 9.80
CA PRO A 72 -14.98 -10.74 10.20
C PRO A 72 -15.20 -9.26 9.94
N PHE A 73 -14.12 -8.47 9.95
CA PHE A 73 -14.24 -7.05 9.62
C PHE A 73 -14.54 -6.85 8.14
N VAL A 74 -14.07 -7.74 7.30
CA VAL A 74 -14.38 -7.68 5.91
C VAL A 74 -15.86 -8.01 5.69
N LYS A 75 -16.33 -9.02 6.41
CA LYS A 75 -17.71 -9.42 6.28
C LYS A 75 -18.71 -8.37 6.72
N ILE A 76 -18.39 -7.61 7.75
CA ILE A 76 -19.35 -6.61 8.22
C ILE A 76 -19.20 -5.29 7.48
N GLU A 77 -18.15 -5.15 6.64
CA GLU A 77 -17.92 -3.89 5.92
C GLU A 77 -19.02 -3.66 4.89
N PRO A 78 -19.68 -2.51 4.89
CA PRO A 78 -20.71 -2.23 3.89
C PRO A 78 -20.09 -1.72 2.59
N ILE A 79 -20.96 -1.38 1.65
CA ILE A 79 -20.50 -0.92 0.34
C ILE A 79 -19.62 0.31 0.50
N PRO A 80 -18.70 0.56 -0.43
CA PRO A 80 -17.80 1.72 -0.28
C PRO A 80 -18.53 3.05 -0.06
N ALA A 81 -19.67 3.23 -0.72
CA ALA A 81 -20.50 4.43 -0.71
C ALA A 81 -21.64 4.36 0.32
N ALA A 82 -21.55 3.48 1.29
CA ALA A 82 -22.64 3.33 2.22
C ALA A 82 -23.17 4.65 2.69
N LYS A 83 -24.46 4.69 2.93
CA LYS A 83 -25.11 5.90 3.38
C LYS A 83 -24.77 6.27 4.81
N THR A 84 -24.34 5.32 5.61
CA THR A 84 -23.95 5.61 6.96
C THR A 84 -22.56 6.26 7.08
N LYS A 85 -21.81 6.31 6.00
CA LYS A 85 -20.47 6.86 6.04
C LYS A 85 -20.50 8.36 5.75
N ASP A 86 -19.69 9.13 6.49
CA ASP A 86 -19.56 10.54 6.15
C ASP A 86 -18.37 10.84 5.26
N HIS A 87 -17.54 9.85 4.95
CA HIS A 87 -16.56 9.93 3.86
C HIS A 87 -16.74 8.76 2.92
N PRO A 88 -17.88 8.66 2.26
CA PRO A 88 -18.12 7.54 1.35
C PRO A 88 -17.12 7.54 0.21
N ASN A 89 -16.78 6.34 -0.27
CA ASN A 89 -15.92 6.18 -1.42
C ASN A 89 -16.82 5.90 -2.61
N HIS A 90 -16.95 6.89 -3.50
CA HIS A 90 -17.84 6.79 -4.65
C HIS A 90 -17.16 6.18 -5.86
N VAL A 91 -15.87 5.89 -5.77
CA VAL A 91 -15.12 5.39 -6.92
C VAL A 91 -15.17 3.87 -7.00
N LEU A 92 -14.98 3.18 -5.87
CA LEU A 92 -14.88 1.73 -5.91
C LEU A 92 -16.22 1.09 -6.22
N SER A 93 -16.17 -0.07 -6.88
CA SER A 93 -17.39 -0.77 -7.26
C SER A 93 -18.15 -1.25 -6.01
N THR A 94 -19.46 -1.43 -6.18
CA THR A 94 -20.28 -1.93 -5.08
C THR A 94 -19.96 -3.38 -4.72
N THR A 95 -19.20 -4.09 -5.56
CA THR A 95 -18.73 -5.42 -5.24
C THR A 95 -17.32 -5.43 -4.65
N THR A 96 -16.86 -4.28 -4.15
CA THR A 96 -15.59 -4.19 -3.49
C THR A 96 -15.82 -3.90 -2.00
N ARG A 97 -15.03 -4.53 -1.13
CA ARG A 97 -15.04 -4.22 0.27
C ARG A 97 -13.63 -3.79 0.61
N LEU A 98 -13.48 -2.64 1.23
CA LEU A 98 -12.19 -2.15 1.64
C LEU A 98 -12.15 -1.89 3.13
N VAL A 99 -11.18 -2.44 3.83
CA VAL A 99 -11.04 -2.28 5.27
C VAL A 99 -9.64 -1.74 5.54
N ASN A 100 -9.56 -0.50 6.06
CA ASN A 100 -8.27 0.08 6.41
C ASN A 100 -8.18 0.24 7.93
N VAL A 101 -7.16 0.96 8.38
CA VAL A 101 -6.81 1.09 9.80
C VAL A 101 -6.72 -0.31 10.40
N LEU A 102 -5.75 -1.08 9.91
CA LEU A 102 -5.65 -2.49 10.27
C LEU A 102 -4.97 -2.73 11.61
N ALA A 103 -4.17 -1.78 12.11
CA ALA A 103 -3.40 -2.05 13.33
C ALA A 103 -4.27 -2.53 14.49
N PRO A 104 -5.41 -1.91 14.80
CA PRO A 104 -6.20 -2.39 15.94
C PRO A 104 -6.83 -3.75 15.71
N ILE A 105 -7.02 -4.19 14.47
CA ILE A 105 -7.66 -5.48 14.24
C ILE A 105 -6.72 -6.61 13.82
N SER A 106 -5.47 -6.33 13.53
CA SER A 106 -4.57 -7.39 13.12
C SER A 106 -3.17 -7.36 13.68
N LYS A 107 -2.83 -8.37 14.47
CA LYS A 107 -1.53 -8.54 15.06
C LYS A 107 -0.48 -8.80 14.02
N ALA A 108 -0.80 -9.65 13.07
CA ALA A 108 0.11 -9.94 12.01
C ALA A 108 0.47 -8.66 11.25
N TYR A 109 -0.54 -7.83 10.97
CA TYR A 109 -0.26 -6.57 10.29
C TYR A 109 0.66 -5.68 11.12
N ARG A 110 0.28 -5.43 12.37
CA ARG A 110 1.00 -4.39 13.10
C ARG A 110 2.37 -4.85 13.58
N GLU A 111 2.59 -6.15 13.64
CA GLU A 111 3.88 -6.65 14.04
C GLU A 111 4.71 -7.06 12.83
N ASP A 112 4.30 -8.09 12.13
CA ASP A 112 5.05 -8.58 11.02
C ASP A 112 5.10 -7.69 9.79
N VAL A 113 3.97 -7.16 9.39
CA VAL A 113 3.97 -6.40 8.14
C VAL A 113 4.64 -5.03 8.34
N LEU A 114 4.27 -4.33 9.42
CA LEU A 114 4.82 -2.99 9.61
C LEU A 114 6.33 -3.01 9.84
N ASN A 115 6.89 -4.15 10.26
CA ASN A 115 8.31 -4.30 10.49
C ASN A 115 9.03 -5.06 9.39
N SER A 116 8.37 -5.33 8.27
CA SER A 116 9.00 -6.10 7.20
C SER A 116 10.33 -5.47 6.79
N LYS A 117 11.38 -6.28 6.83
CA LYS A 117 12.68 -5.80 6.43
C LYS A 117 12.69 -5.52 4.95
N VAL A 118 12.05 -6.36 4.18
CA VAL A 118 11.97 -6.14 2.74
C VAL A 118 11.26 -4.82 2.43
N LEU A 119 10.09 -4.60 3.05
CA LEU A 119 9.37 -3.35 2.83
C LEU A 119 10.24 -2.14 3.15
N HIS A 120 10.99 -2.18 4.26
CA HIS A 120 11.73 -1.00 4.64
C HIS A 120 12.97 -0.78 3.81
N ARG A 121 13.57 -1.81 3.28
CA ARG A 121 14.69 -1.59 2.40
C ARG A 121 14.19 -0.94 1.11
N ILE A 122 13.09 -1.44 0.56
CA ILE A 122 12.55 -0.85 -0.66
C ILE A 122 12.16 0.61 -0.42
N CYS A 123 11.47 0.88 0.70
CA CYS A 123 11.02 2.25 0.93
C CYS A 123 12.19 3.20 1.16
N SER A 124 13.20 2.75 1.89
CA SER A 124 14.35 3.63 2.09
C SER A 124 15.12 3.80 0.78
N ASP A 125 15.14 2.79 -0.09
CA ASP A 125 15.69 2.97 -1.42
C ASP A 125 14.91 4.02 -2.19
N ALA A 126 13.60 3.91 -2.17
CA ALA A 126 12.77 4.81 -2.92
C ALA A 126 12.69 6.24 -2.48
N PHE A 127 12.61 6.45 -1.17
CA PHE A 127 12.36 7.76 -0.68
C PHE A 127 13.50 8.51 -0.04
N HIS A 128 14.72 8.00 -0.14
CA HIS A 128 15.86 8.67 0.47
C HIS A 128 15.95 10.15 0.05
N VAL A 129 15.59 10.48 -1.18
CA VAL A 129 15.74 11.88 -1.60
C VAL A 129 14.85 12.80 -0.78
N TYR A 130 13.69 12.31 -0.34
CA TYR A 130 12.75 13.13 0.41
C TYR A 130 12.94 13.08 1.92
N GLY A 131 13.18 11.89 2.49
CA GLY A 131 13.20 11.84 3.94
C GLY A 131 12.48 10.61 4.46
N ASP A 132 11.97 10.71 5.68
CA ASP A 132 11.14 9.64 6.24
C ASP A 132 9.92 9.37 5.37
N TYR A 133 9.44 8.15 5.49
CA TYR A 133 8.23 7.68 4.86
C TYR A 133 7.32 7.05 5.94
N TRP A 134 6.05 6.95 5.61
CA TRP A 134 5.08 6.33 6.49
C TRP A 134 3.95 5.66 5.69
N VAL A 135 3.00 5.09 6.41
CA VAL A 135 1.89 4.44 5.74
C VAL A 135 0.80 5.43 5.38
N LEU A 136 0.51 5.59 4.10
CA LEU A 136 -0.57 6.46 3.68
C LEU A 136 -1.89 5.69 3.82
N MET A 137 -1.84 4.40 3.50
CA MET A 137 -2.97 3.50 3.72
C MET A 137 -2.55 2.04 3.65
N GLY A 138 -2.96 1.27 4.64
CA GLY A 138 -2.79 -0.16 4.72
C GLY A 138 -4.22 -0.72 4.75
N ALA A 139 -4.65 -1.44 3.73
CA ALA A 139 -6.05 -1.85 3.64
C ALA A 139 -6.15 -3.24 3.05
N VAL A 140 -7.17 -3.93 3.46
CA VAL A 140 -7.49 -5.20 2.88
C VAL A 140 -8.65 -4.91 1.93
N MET A 141 -8.53 -5.36 0.68
CA MET A 141 -9.57 -5.21 -0.30
C MET A 141 -10.03 -6.58 -0.75
N GLU A 142 -11.33 -6.79 -0.74
CA GLU A 142 -11.88 -8.07 -1.19
C GLU A 142 -12.87 -7.82 -2.31
N LEU A 143 -12.70 -8.56 -3.38
CA LEU A 143 -13.54 -8.40 -4.57
C LEU A 143 -14.50 -9.58 -4.66
N ALA A 144 -15.79 -9.27 -4.76
CA ALA A 144 -16.78 -10.32 -4.84
C ALA A 144 -16.71 -11.02 -6.18
N PRO A 145 -17.22 -12.25 -6.27
CA PRO A 145 -17.34 -12.90 -7.57
C PRO A 145 -18.01 -11.97 -8.58
N SER A 146 -17.51 -12.02 -9.81
CA SER A 146 -17.97 -11.20 -10.94
C SER A 146 -17.69 -9.71 -10.76
N ASN A 147 -16.75 -9.35 -9.90
CA ASN A 147 -16.33 -7.96 -9.80
C ASN A 147 -15.83 -7.49 -11.16
N PRO A 148 -16.29 -6.33 -11.65
CA PRO A 148 -15.79 -5.83 -12.93
C PRO A 148 -14.38 -5.26 -12.82
N ALA A 149 -13.68 -5.25 -13.96
CA ALA A 149 -12.38 -4.59 -14.00
C ALA A 149 -12.53 -3.11 -13.66
N GLN A 150 -11.49 -2.57 -13.03
CA GLN A 150 -11.43 -1.14 -12.80
C GLN A 150 -10.99 -0.44 -14.08
N PRO A 151 -11.36 0.82 -14.27
CA PRO A 151 -10.72 1.61 -15.32
C PRO A 151 -9.23 1.76 -15.05
N LEU A 152 -8.44 1.83 -16.13
CA LEU A 152 -7.02 2.11 -15.98
C LEU A 152 -6.82 3.45 -15.30
N HIS A 153 -5.95 3.49 -14.30
CA HIS A 153 -5.79 4.70 -13.50
C HIS A 153 -4.40 4.76 -12.88
N ARG A 154 -4.08 5.96 -12.39
CA ARG A 154 -2.98 6.20 -11.47
C ARG A 154 -3.58 6.42 -10.11
N ASP A 155 -2.86 5.99 -9.07
CA ASP A 155 -3.31 6.19 -7.71
C ASP A 155 -3.14 7.65 -7.29
N MET A 156 -3.79 8.00 -6.18
CA MET A 156 -3.62 9.27 -5.43
C MET A 156 -4.46 10.42 -5.99
N ARG A 157 -5.14 10.23 -7.10
CA ARG A 157 -5.90 11.31 -7.71
C ARG A 157 -7.24 11.71 -7.09
N PHE A 158 -7.73 10.90 -6.18
CA PHE A 158 -8.95 11.21 -5.44
C PHE A 158 -8.67 11.72 -4.02
N SER A 159 -7.43 11.90 -3.67
CA SER A 159 -6.98 12.25 -2.32
C SER A 159 -5.94 13.36 -2.33
N HIS A 160 -4.96 13.28 -3.23
CA HIS A 160 -3.82 14.20 -3.22
C HIS A 160 -3.66 14.88 -4.58
N PRO A 161 -4.51 15.82 -4.90
CA PRO A 161 -4.32 16.58 -6.14
C PRO A 161 -2.95 17.25 -6.25
N ILE A 162 -2.28 17.46 -5.13
CA ILE A 162 -0.95 18.05 -5.20
C ILE A 162 0.00 17.25 -6.09
N VAL A 163 -0.16 15.95 -6.10
CA VAL A 163 0.71 15.05 -6.81
C VAL A 163 0.71 15.33 -8.30
N GLU A 164 -0.41 15.79 -8.82
CA GLU A 164 -0.54 16.11 -10.24
C GLU A 164 0.27 17.32 -10.65
N TYR A 165 0.60 18.19 -9.71
CA TYR A 165 1.38 19.34 -9.93
C TYR A 165 2.89 19.14 -9.81
N LEU A 166 3.35 17.95 -9.47
CA LEU A 166 4.77 17.66 -9.44
C LEU A 166 5.36 17.65 -10.85
N LYS A 167 6.60 18.02 -10.96
CA LYS A 167 7.28 17.95 -12.24
C LYS A 167 7.25 16.50 -12.68
N PRO A 168 7.15 16.29 -13.97
CA PRO A 168 7.06 14.95 -14.50
C PRO A 168 8.17 14.06 -14.12
N ASP A 169 9.32 14.60 -13.77
CA ASP A 169 10.41 13.76 -13.41
C ASP A 169 10.79 13.75 -11.94
N ALA A 170 9.90 14.23 -11.09
CA ALA A 170 10.17 14.22 -9.67
C ALA A 170 10.15 12.80 -9.17
N PRO A 171 11.00 12.48 -8.23
CA PRO A 171 10.96 11.11 -7.70
C PRO A 171 9.59 10.81 -7.12
N ALA A 172 9.17 9.55 -7.28
CA ALA A 172 7.88 9.11 -6.78
C ALA A 172 7.74 9.41 -5.30
N THR A 173 6.62 10.04 -4.93
CA THR A 173 6.35 10.35 -3.54
C THR A 173 5.52 9.30 -2.81
N SER A 174 4.97 8.31 -3.51
CA SER A 174 4.34 7.15 -2.87
C SER A 174 4.46 5.96 -3.80
N ILE A 175 4.43 4.77 -3.20
CA ILE A 175 4.44 3.51 -3.93
C ILE A 175 3.38 2.63 -3.28
N ASN A 176 2.93 1.62 -4.03
CA ASN A 176 1.84 0.76 -3.58
C ASN A 176 2.25 -0.69 -3.70
N PHE A 177 2.23 -1.40 -2.58
CA PHE A 177 2.49 -2.82 -2.54
C PHE A 177 1.11 -3.48 -2.57
N LEU A 178 0.80 -4.21 -3.63
CA LEU A 178 -0.46 -4.91 -3.70
C LEU A 178 -0.13 -6.38 -3.44
N VAL A 179 -0.36 -6.81 -2.22
CA VAL A 179 -0.04 -8.13 -1.77
C VAL A 179 -1.16 -9.12 -1.95
N ALA A 180 -0.91 -10.22 -2.64
CA ALA A 180 -1.98 -11.19 -2.84
C ALA A 180 -2.27 -11.93 -1.54
N LEU A 181 -3.53 -11.85 -1.08
CA LEU A 181 -3.96 -12.67 0.05
C LEU A 181 -4.70 -13.92 -0.40
N SER A 182 -4.91 -14.07 -1.70
CA SER A 182 -5.40 -15.29 -2.34
C SER A 182 -4.81 -15.29 -3.74
N PRO A 183 -5.02 -16.37 -4.50
CA PRO A 183 -4.38 -16.45 -5.82
C PRO A 183 -4.87 -15.34 -6.75
N PHE A 184 -3.95 -14.76 -7.52
CA PHE A 184 -4.28 -13.88 -8.63
C PHE A 184 -4.09 -14.66 -9.93
N THR A 185 -5.18 -14.86 -10.67
CA THR A 185 -5.13 -15.54 -11.95
C THR A 185 -5.73 -14.64 -13.03
N ALA A 186 -5.50 -14.96 -14.31
CA ALA A 186 -6.09 -14.16 -15.34
C ALA A 186 -7.59 -14.23 -15.27
N GLU A 187 -8.10 -15.40 -14.91
CA GLU A 187 -9.52 -15.65 -14.83
C GLU A 187 -10.25 -14.94 -13.71
N ASN A 188 -9.58 -14.78 -12.58
CA ASN A 188 -10.20 -14.19 -11.42
C ASN A 188 -9.93 -12.71 -11.21
N GLY A 189 -9.34 -12.06 -12.21
CA GLY A 189 -9.14 -10.63 -12.15
C GLY A 189 -7.81 -10.12 -11.67
N ALA A 190 -6.73 -10.87 -11.85
CA ALA A 190 -5.41 -10.37 -11.51
C ALA A 190 -5.17 -8.99 -12.11
N THR A 191 -4.46 -8.16 -11.35
CA THR A 191 -4.20 -6.77 -11.71
C THR A 191 -3.55 -6.67 -13.10
N HIS A 192 -3.94 -5.63 -13.85
CA HIS A 192 -3.30 -5.23 -15.10
C HIS A 192 -2.35 -4.05 -14.84
N VAL A 193 -1.19 -4.05 -15.50
CA VAL A 193 -0.29 -2.90 -15.42
C VAL A 193 0.19 -2.59 -16.84
N ILE A 194 0.52 -1.32 -17.09
CA ILE A 194 1.22 -0.93 -18.31
C ILE A 194 2.65 -0.64 -17.92
N LEU A 195 3.58 -1.50 -18.34
CA LEU A 195 4.98 -1.28 -18.04
C LEU A 195 5.47 0.00 -18.71
N GLY A 196 6.25 0.77 -17.96
CA GLY A 196 6.82 2.02 -18.42
C GLY A 196 5.91 3.21 -18.36
N SER A 197 4.63 3.01 -18.04
CA SER A 197 3.65 4.08 -18.04
C SER A 197 3.85 5.08 -16.91
N HIS A 198 4.67 4.75 -15.91
CA HIS A 198 4.96 5.70 -14.87
C HIS A 198 5.75 6.90 -15.40
N LYS A 199 6.31 6.79 -16.58
CA LYS A 199 7.02 7.89 -17.20
C LYS A 199 6.23 8.55 -18.33
N TRP A 200 5.03 8.09 -18.59
CA TRP A 200 4.27 8.67 -19.67
C TRP A 200 3.74 10.02 -19.33
N GLN A 201 3.89 10.94 -20.25
CA GLN A 201 3.34 12.26 -20.08
C GLN A 201 2.05 12.36 -20.93
N ASN A 202 2.12 11.73 -22.09
CA ASN A 202 1.17 11.62 -23.16
C ASN A 202 0.30 10.39 -22.94
N LEU A 203 -0.99 10.55 -22.69
CA LEU A 203 -1.87 9.40 -22.42
C LEU A 203 -2.77 8.91 -23.56
N SER A 204 -2.27 8.91 -24.78
CA SER A 204 -3.11 8.47 -25.90
C SER A 204 -2.98 7.03 -26.20
N ASN A 205 -1.94 6.44 -25.72
CA ASN A 205 -1.76 5.03 -25.91
C ASN A 205 -2.39 4.24 -24.78
N VAL A 206 -3.13 4.88 -23.87
CA VAL A 206 -3.67 4.12 -22.77
C VAL A 206 -4.76 3.24 -23.30
N SER A 207 -4.56 1.98 -23.12
CA SER A 207 -5.48 0.98 -23.56
C SER A 207 -5.19 -0.32 -22.86
N MET A 208 -6.21 -1.10 -22.66
CA MET A 208 -6.00 -2.45 -22.11
C MET A 208 -5.07 -3.26 -22.99
N ASP A 209 -4.96 -2.92 -24.28
CA ASP A 209 -4.07 -3.64 -25.18
C ASP A 209 -2.61 -3.49 -24.78
N ALA A 210 -2.28 -2.48 -23.98
CA ALA A 210 -0.91 -2.22 -23.56
C ALA A 210 -0.56 -2.86 -22.22
N THR A 211 -1.47 -3.65 -21.64
CA THR A 211 -1.30 -4.16 -20.28
C THR A 211 -0.76 -5.59 -20.28
N VAL A 212 -0.04 -5.94 -19.21
CA VAL A 212 0.27 -7.31 -18.83
C VAL A 212 -0.29 -7.56 -17.43
N ARG A 213 -0.39 -8.84 -17.05
CA ARG A 213 -1.07 -9.25 -15.83
C ARG A 213 -0.08 -9.53 -14.70
N ALA A 214 -0.55 -9.44 -13.48
CA ALA A 214 0.22 -9.79 -12.31
C ALA A 214 -0.33 -11.07 -11.73
N LEU A 215 0.12 -12.21 -12.26
CA LEU A 215 -0.29 -13.49 -11.76
C LEU A 215 0.55 -13.74 -10.54
N MET A 216 -0.07 -14.11 -9.42
CA MET A 216 0.63 -14.16 -8.14
C MET A 216 0.03 -15.23 -7.25
N ASN A 217 0.88 -15.88 -6.48
CA ASN A 217 0.47 -16.75 -5.39
C ASN A 217 0.25 -15.93 -4.14
N PRO A 218 -0.51 -16.43 -3.18
CA PRO A 218 -0.68 -15.67 -1.93
C PRO A 218 0.67 -15.36 -1.31
N GLY A 219 0.83 -14.11 -0.86
CA GLY A 219 2.08 -13.64 -0.30
C GLY A 219 3.01 -12.97 -1.29
N ASP A 220 2.83 -13.22 -2.58
CA ASP A 220 3.52 -12.42 -3.58
C ASP A 220 2.95 -11.01 -3.57
N ALA A 221 3.76 -10.05 -3.99
CA ALA A 221 3.32 -8.66 -4.02
C ALA A 221 3.67 -7.99 -5.33
N LEU A 222 2.72 -7.23 -5.86
CA LEU A 222 2.93 -6.36 -7.01
C LEU A 222 3.28 -4.97 -6.50
N LEU A 223 4.46 -4.47 -6.86
CA LEU A 223 4.87 -3.14 -6.41
C LEU A 223 4.84 -2.19 -7.59
N ILE A 224 4.11 -1.06 -7.42
CA ILE A 224 3.96 -0.05 -8.46
C ILE A 224 4.25 1.31 -7.82
N THR A 225 4.42 2.33 -8.66
CA THR A 225 4.53 3.68 -8.11
C THR A 225 3.20 4.39 -8.28
N ASP A 226 3.12 5.62 -7.73
CA ASP A 226 1.91 6.41 -7.90
C ASP A 226 1.70 6.89 -9.33
N SER A 227 2.67 6.72 -10.23
CA SER A 227 2.45 7.05 -11.63
C SER A 227 2.18 5.84 -12.53
N THR A 228 2.28 4.61 -11.99
CA THR A 228 2.06 3.43 -12.81
C THR A 228 0.58 3.28 -13.15
N ILE A 229 0.27 3.17 -14.43
CA ILE A 229 -1.12 2.99 -14.85
C ILE A 229 -1.47 1.52 -14.72
N HIS A 230 -2.57 1.24 -14.01
CA HIS A 230 -2.93 -0.13 -13.65
C HIS A 230 -4.43 -0.17 -13.43
N CYS A 231 -4.97 -1.37 -13.35
CA CYS A 231 -6.34 -1.55 -12.89
C CYS A 231 -6.51 -2.96 -12.34
N GLY A 232 -7.40 -3.09 -11.36
CA GLY A 232 -7.93 -4.40 -11.06
C GLY A 232 -8.58 -5.02 -12.29
N GLY A 233 -8.46 -6.37 -12.38
CA GLY A 233 -9.04 -7.09 -13.50
C GLY A 233 -10.48 -7.55 -13.26
N ALA A 234 -11.10 -8.02 -14.34
CA ALA A 234 -12.46 -8.52 -14.27
C ALA A 234 -12.46 -9.93 -13.71
N GLU A 235 -13.33 -10.20 -12.74
CA GLU A 235 -13.49 -11.56 -12.21
C GLU A 235 -14.49 -12.28 -13.11
N THR A 236 -14.01 -13.27 -13.88
CA THR A 236 -14.82 -13.94 -14.89
C THR A 236 -15.33 -15.33 -14.51
N THR A 237 -14.96 -15.84 -13.32
CA THR A 237 -15.42 -17.18 -12.96
C THR A 237 -16.84 -17.17 -12.40
N GLY A 238 -17.28 -16.04 -11.85
CA GLY A 238 -18.51 -16.01 -11.08
C GLY A 238 -18.44 -16.77 -9.78
N THR A 239 -17.26 -17.30 -9.44
CA THR A 239 -17.05 -18.21 -8.31
C THR A 239 -16.07 -17.66 -7.29
N GLU A 240 -14.87 -17.25 -7.71
CA GLU A 240 -13.78 -17.00 -6.76
C GLU A 240 -13.85 -15.61 -6.14
N THR A 241 -13.40 -15.52 -4.89
CA THR A 241 -13.31 -14.27 -4.16
C THR A 241 -11.84 -13.90 -3.98
N ARG A 242 -11.39 -12.87 -4.69
CA ARG A 242 -10.00 -12.44 -4.67
C ARG A 242 -9.81 -11.40 -3.57
N ARG A 243 -8.72 -11.53 -2.79
CA ARG A 243 -8.45 -10.63 -1.68
C ARG A 243 -6.99 -10.19 -1.75
N LEU A 244 -6.75 -8.92 -1.40
CA LEU A 244 -5.39 -8.37 -1.42
C LEU A 244 -5.19 -7.44 -0.23
N LEU A 245 -3.92 -7.23 0.10
CA LEU A 245 -3.51 -6.24 1.09
C LEU A 245 -2.77 -5.15 0.33
N THR A 246 -3.34 -3.95 0.29
CA THR A 246 -2.70 -2.83 -0.38
C THR A 246 -2.03 -1.94 0.65
N ILE A 247 -0.71 -1.77 0.52
CA ILE A 247 0.05 -0.94 1.44
C ILE A 247 0.61 0.21 0.62
N THR A 248 0.02 1.40 0.77
CA THR A 248 0.54 2.59 0.09
C THR A 248 1.50 3.24 1.06
N MET A 249 2.78 3.26 0.69
CA MET A 249 3.84 3.86 1.49
C MET A 249 4.19 5.17 0.83
N GLY A 250 4.29 6.24 1.61
CA GLY A 250 4.56 7.54 1.01
C GLY A 250 5.43 8.36 1.92
N ILE A 251 6.02 9.43 1.35
CA ILE A 251 6.87 10.29 2.18
C ILE A 251 6.04 10.91 3.28
N SER A 252 6.69 11.12 4.41
CA SER A 252 6.05 11.67 5.57
C SER A 252 5.56 13.09 5.42
N GLN A 253 5.90 13.71 4.30
CA GLN A 253 5.47 15.03 4.03
C GLN A 253 4.03 15.04 3.46
N LEU A 254 3.49 13.89 3.09
CA LEU A 254 2.13 13.77 2.55
C LEU A 254 1.19 13.17 3.60
N THR A 255 -0.04 13.67 3.64
CA THR A 255 -0.97 13.25 4.68
C THR A 255 -1.55 11.88 4.36
N PRO A 256 -1.59 10.96 5.32
CA PRO A 256 -2.20 9.65 5.05
C PRO A 256 -3.68 9.75 4.69
N LEU A 257 -4.14 8.76 3.94
CA LEU A 257 -5.55 8.65 3.61
C LEU A 257 -6.35 8.19 4.84
N GLU A 258 -5.69 7.47 5.73
CA GLU A 258 -6.31 6.92 6.93
C GLU A 258 -5.67 7.49 8.17
N SER A 259 -6.42 7.45 9.26
CA SER A 259 -5.96 7.92 10.54
C SER A 259 -5.85 6.81 11.57
N ASN A 260 -4.77 6.82 12.31
CA ASN A 260 -4.60 5.95 13.47
C ASN A 260 -4.88 6.65 14.81
N LEU A 261 -5.48 7.84 14.77
CA LEU A 261 -5.63 8.64 15.98
C LEU A 261 -6.51 7.95 17.01
N ALA A 262 -7.42 7.09 16.58
CA ALA A 262 -8.34 6.43 17.49
C ALA A 262 -7.86 5.06 17.95
N VAL A 263 -6.68 4.65 17.53
CA VAL A 263 -6.16 3.34 17.93
C VAL A 263 -5.84 3.36 19.43
N PRO A 264 -6.30 2.38 20.21
CA PRO A 264 -6.06 2.40 21.66
C PRO A 264 -4.59 2.54 22.00
N ARG A 265 -4.29 3.32 23.02
CA ARG A 265 -2.93 3.50 23.45
C ARG A 265 -2.20 2.23 23.76
N PRO A 266 -2.81 1.28 24.47
CA PRO A 266 -2.10 0.02 24.70
C PRO A 266 -1.68 -0.66 23.42
N VAL A 267 -2.48 -0.56 22.36
CA VAL A 267 -2.07 -1.14 21.08
C VAL A 267 -0.85 -0.42 20.54
N ILE A 268 -0.90 0.92 20.48
CA ILE A 268 0.23 1.69 19.97
C ILE A 268 1.48 1.40 20.78
N GLU A 269 1.36 1.28 22.09
CA GLU A 269 2.54 1.04 22.91
C GLU A 269 3.06 -0.39 22.80
N SER A 270 2.34 -1.28 22.13
CA SER A 270 2.86 -2.63 21.89
C SER A 270 3.71 -2.72 20.63
N LEU A 271 3.77 -1.64 19.84
CA LEU A 271 4.45 -1.67 18.56
C LEU A 271 5.92 -1.32 18.74
N THR A 272 6.69 -1.54 17.68
CA THR A 272 8.06 -1.08 17.64
C THR A 272 8.07 0.42 17.43
N PRO A 273 9.15 1.09 17.81
CA PRO A 273 9.25 2.53 17.50
C PRO A 273 9.06 2.80 16.02
N LEU A 274 9.54 1.90 15.17
CA LEU A 274 9.41 2.09 13.73
C LEU A 274 7.94 2.02 13.31
N ALA A 275 7.22 1.01 13.80
CA ALA A 275 5.80 0.90 13.48
C ALA A 275 5.01 2.09 14.02
N GLN A 276 5.37 2.58 15.21
CA GLN A 276 4.69 3.77 15.74
C GLN A 276 4.86 4.94 14.79
N ARG A 277 6.04 5.13 14.27
CA ARG A 277 6.29 6.23 13.36
C ARG A 277 5.51 6.09 12.08
N LEU A 278 5.41 4.87 11.59
CA LEU A 278 4.66 4.59 10.38
C LEU A 278 3.16 4.91 10.48
N LEU A 279 2.62 4.79 11.69
CA LEU A 279 1.25 5.08 11.94
C LEU A 279 0.97 6.52 12.45
N GLY A 280 1.95 7.40 12.39
CA GLY A 280 1.76 8.78 12.80
C GLY A 280 1.81 8.99 14.29
N TRP A 281 2.31 8.02 15.05
CA TRP A 281 2.51 8.12 16.48
C TRP A 281 3.96 8.47 16.83
N ALA A 282 4.68 9.11 15.92
CA ALA A 282 6.00 9.67 16.19
C ALA A 282 6.17 10.92 15.34
N SER A 283 7.16 11.73 15.70
CA SER A 283 7.52 12.81 14.79
C SER A 283 8.23 12.22 13.57
N GLN A 284 8.52 13.08 12.59
CA GLN A 284 9.05 12.61 11.32
C GLN A 284 10.18 13.56 10.91
N ARG A 285 11.02 13.12 9.98
CA ARG A 285 12.14 13.94 9.51
C ARG A 285 12.13 14.05 8.00
N SER A 286 12.53 15.21 7.49
CA SER A 286 12.83 15.32 6.06
C SER A 286 14.31 15.08 5.83
N ALA A 287 14.70 15.05 4.55
CA ALA A 287 16.09 14.85 4.17
C ALA A 287 16.86 16.14 4.02
N ALA A 288 16.26 17.29 4.31
CA ALA A 288 17.00 18.53 4.21
C ALA A 288 18.20 18.48 5.15
N PRO A 289 19.39 18.91 4.71
CA PRO A 289 20.58 18.80 5.57
C PRO A 289 20.40 19.35 6.98
N ARG A 290 19.69 20.46 7.12
CA ARG A 290 19.39 21.03 8.41
C ARG A 290 17.88 20.91 8.76
N ASP A 291 17.33 19.76 8.42
CA ASP A 291 15.93 19.43 8.66
C ASP A 291 15.46 19.90 10.04
N ILE A 292 14.33 20.61 10.05
CA ILE A 292 13.70 21.03 11.31
C ILE A 292 12.53 20.14 11.70
N GLY A 293 12.16 19.18 10.86
CA GLY A 293 11.28 18.10 11.28
C GLY A 293 9.81 18.36 11.05
N LEU A 294 9.03 17.29 11.19
CA LEU A 294 7.58 17.29 11.00
C LEU A 294 6.90 16.76 12.25
N LEU A 295 5.72 17.30 12.54
CA LEU A 295 4.94 16.90 13.73
C LEU A 295 5.76 16.97 15.02
N THR A 296 6.49 18.07 15.19
CA THR A 296 7.28 18.23 16.40
C THR A 296 6.51 19.11 17.39
N ILE A 297 7.04 19.18 18.61
CA ILE A 297 6.41 19.95 19.67
C ILE A 297 7.52 20.77 20.32
N ARG A 298 7.57 22.07 20.01
CA ARG A 298 8.54 22.99 20.59
C ARG A 298 9.95 22.41 20.63
N GLY A 299 10.32 21.78 19.50
CA GLY A 299 11.64 21.23 19.32
C GLY A 299 11.82 19.81 19.81
N ASN A 300 10.77 19.20 20.35
CA ASN A 300 10.85 17.83 20.81
C ASN A 300 9.84 16.96 20.09
N SER A 301 10.14 15.65 20.06
CA SER A 301 9.29 14.73 19.34
C SER A 301 8.02 14.42 20.10
N ILE A 302 7.02 13.94 19.35
CA ILE A 302 5.80 13.38 19.94
C ILE A 302 6.16 12.35 21.01
N GLU A 303 7.04 11.41 20.67
CA GLU A 303 7.30 10.29 21.56
C GLU A 303 8.09 10.71 22.79
N LYS A 304 9.00 11.70 22.66
CA LYS A 304 9.66 12.24 23.84
C LYS A 304 8.69 13.04 24.70
N THR A 305 7.82 13.83 24.05
CA THR A 305 6.85 14.65 24.78
C THR A 305 5.83 13.81 25.54
N MET A 306 5.24 12.84 24.87
CA MET A 306 4.20 12.00 25.46
C MET A 306 4.77 10.87 26.32
N ASN A 307 6.09 10.71 26.36
CA ASN A 307 6.74 9.57 27.03
C ASN A 307 6.10 8.27 26.55
N LEU A 308 6.07 8.11 25.23
CA LEU A 308 5.34 6.99 24.63
C LEU A 308 6.18 5.73 24.77
N LYS A 309 5.61 4.71 25.42
CA LYS A 309 6.29 3.42 25.54
C LYS A 309 6.26 2.69 24.19
N ALA A 310 7.11 1.70 24.06
CA ALA A 310 7.15 0.88 22.88
C ALA A 310 7.43 -0.57 23.26
N GLU A 311 7.08 -1.47 22.38
CA GLU A 311 7.29 -2.87 22.57
C GLU A 311 6.84 -3.41 23.91
N GLN A 312 5.67 -2.97 24.33
CA GLN A 312 5.03 -3.42 25.54
C GLN A 312 3.87 -4.31 25.20
N PRO A 313 4.01 -5.59 25.43
CA PRO A 313 2.94 -6.53 25.14
C PRO A 313 1.66 -6.13 25.84
N LEU A 314 0.52 -6.34 25.22
CA LEU A 314 -0.73 -5.95 25.84
C LEU A 314 -0.97 -6.84 27.06
FE FE B . -5.05 1.56 -7.95
C1 AKG C . -7.27 0.14 -6.51
O1 AKG C . -6.74 1.29 -6.54
O2 AKG C . -8.35 -0.04 -5.90
C2 AKG C . -6.58 -1.01 -7.24
O5 AKG C . -5.74 -0.75 -8.04
C3 AKG C . -6.97 -2.47 -6.97
C4 AKG C . -6.20 -3.37 -7.94
C5 AKG C . -6.76 -4.78 -7.95
O3 AKG C . -6.01 -5.74 -8.29
O4 AKG C . -7.97 -4.98 -7.65
H31 AKG C . -6.73 -2.69 -6.06
H32 AKG C . -7.91 -2.58 -7.10
H41 AKG C . -6.26 -3.00 -8.84
H42 AKG C . -5.27 -3.41 -7.67
C1 CQ9 D . -6.83 1.12 -2.59
C2 CQ9 D . -7.96 1.80 -3.02
C3 CQ9 D . -7.92 3.12 -3.50
C4 CQ9 D . -9.10 3.78 -3.92
O5 CQ9 D . -10.08 3.74 -3.24
N6 CQ9 D . -9.12 4.75 -4.92
C7 CQ9 D . -8.06 4.85 -5.95
C8 CQ9 D . -8.03 4.67 -7.42
C9 CQ9 D . -9.06 4.08 -8.38
C10 CQ9 D . -9.74 2.95 -7.98
C11 CQ9 D . -10.71 2.41 -8.81
C12 CQ9 D . -10.98 3.02 -10.02
C13 CQ9 D . -10.31 4.16 -10.41
C14 CQ9 D . -9.35 4.70 -9.58
C15 CQ9 D . -6.89 5.42 -5.37
O16 CQ9 D . -6.44 6.42 -5.82
N17 CQ9 D . -6.56 5.09 -4.04
C18 CQ9 D . -6.67 3.77 -3.56
C19 CQ9 D . -5.54 3.07 -3.14
C20 CQ9 D . -5.54 1.73 -2.63
C23 CQ9 D . -10.48 5.15 -5.37
O35 CQ9 D . -7.70 3.62 -6.40
H11 CQ9 D . -6.91 0.24 -2.27
H21 CQ9 D . -8.72 1.41 -2.98
H36 CQ9 D . -7.31 5.11 -7.83
H101 CQ9 D . -9.55 2.55 -7.16
H111 CQ9 D . -11.16 1.65 -8.55
H121 CQ9 D . -11.63 2.66 -10.58
H131 CQ9 D . -10.51 4.56 -11.23
H141 CQ9 D . -8.88 5.47 -9.83
H171 CQ9 D . -5.94 5.58 -3.69
H191 CQ9 D . -4.79 3.47 -3.18
H201 CQ9 D . -4.77 1.31 -2.36
H231 CQ9 D . -10.40 5.75 -6.09
H232 CQ9 D . -10.93 5.58 -4.67
H233 CQ9 D . -10.96 4.40 -5.65
O1 PEO E . -3.79 0.64 -6.19
O2 PEO E . -4.99 -0.07 -5.66
HO1 PEO E . -3.24 0.79 -5.55
HO2 PEO E . -5.30 0.37 -5.00
#